data_3O0L
#
_entry.id   3O0L
#
_cell.length_a   62.633
_cell.length_b   62.633
_cell.length_c   119.040
_cell.angle_alpha   90.000
_cell.angle_beta   90.000
_cell.angle_gamma   120.000
#
_symmetry.space_group_name_H-M   'P 31 2 1'
#
loop_
_entity.id
_entity.type
_entity.pdbx_description
1 polymer 'Uncharacterized protein'
2 non-polymer 1,2-ETHANEDIOL
3 water water
#
_entity_poly.entity_id   1
_entity_poly.type   'polypeptide(L)'
_entity_poly.pdbx_seq_one_letter_code
;GPHTGGI(MSE)ISSTGEVRVDNGSFHSDVDVSAVTTQAEAGFLRARGTIISKSPKDQRLQYKFTWYDINGATVEDEGVS
WKSLKLHGKQQ(MSE)QVTALSPNATAVRCELYVREAISN
;
_entity_poly.pdbx_strand_id   A,B
#
loop_
_chem_comp.id
_chem_comp.type
_chem_comp.name
_chem_comp.formula
EDO non-polymer 1,2-ETHANEDIOL 'C2 H6 O2'
#
# COMPACT_ATOMS: atom_id res chain seq x y z
N HIS A 3 23.54 7.01 -8.42
CA HIS A 3 22.39 6.46 -9.20
C HIS A 3 21.15 6.35 -8.30
N THR A 4 19.99 6.57 -8.89
CA THR A 4 18.75 6.55 -8.12
C THR A 4 17.65 5.81 -8.86
N GLY A 5 16.66 5.41 -8.11
CA GLY A 5 15.46 4.82 -8.65
C GLY A 5 14.31 5.57 -8.04
N GLY A 6 13.13 5.05 -8.27
CA GLY A 6 11.92 5.61 -7.74
C GLY A 6 10.97 4.55 -7.28
N ILE A 7 10.11 4.99 -6.40
CA ILE A 7 9.03 4.24 -5.88
CA ILE A 7 9.02 4.21 -5.97
C ILE A 7 7.76 5.09 -5.93
N MSE A 8 6.64 4.50 -6.29
CA MSE A 8 5.36 5.21 -6.18
C MSE A 8 4.36 4.28 -5.50
O MSE A 8 4.24 3.11 -5.89
CB MSE A 8 4.86 5.70 -7.56
CG MSE A 8 3.47 6.33 -7.50
SE MSE A 8 3.07 7.25 -9.15
CE MSE A 8 2.51 5.86 -10.21
N ILE A 9 3.64 4.84 -4.56
CA ILE A 9 2.63 4.15 -3.77
C ILE A 9 1.29 4.79 -4.01
N SER A 10 0.25 3.99 -4.16
CA SER A 10 -1.11 4.51 -4.27
C SER A 10 -1.90 4.19 -2.99
N SER A 11 -2.95 4.96 -2.76
CA SER A 11 -3.84 4.77 -1.65
C SER A 11 -4.67 3.49 -1.76
N THR A 12 -4.68 2.87 -2.94
CA THR A 12 -5.33 1.58 -3.20
C THR A 12 -4.47 0.37 -2.93
N GLY A 13 -3.20 0.54 -2.55
CA GLY A 13 -2.32 -0.57 -2.28
C GLY A 13 -1.34 -0.98 -3.36
N GLU A 14 -1.28 -0.20 -4.43
CA GLU A 14 -0.38 -0.50 -5.48
C GLU A 14 0.96 0.14 -5.23
N VAL A 15 2.05 -0.60 -5.44
CA VAL A 15 3.40 -0.11 -5.22
C VAL A 15 4.25 -0.50 -6.40
N ARG A 16 4.87 0.50 -7.02
CA ARG A 16 5.79 0.24 -8.09
C ARG A 16 7.15 0.79 -7.77
N VAL A 17 8.15 0.04 -8.22
CA VAL A 17 9.56 0.32 -8.05
C VAL A 17 10.20 0.33 -9.43
N ASP A 18 11.02 1.35 -9.70
CA ASP A 18 11.76 1.43 -10.94
C ASP A 18 13.17 1.85 -10.58
N ASN A 19 14.11 0.91 -10.73
CA ASN A 19 15.45 1.11 -10.25
C ASN A 19 16.47 0.48 -11.22
N GLY A 20 16.96 1.31 -12.16
CA GLY A 20 17.80 0.84 -13.25
C GLY A 20 17.00 -0.14 -14.07
N SER A 21 17.52 -1.35 -14.20
CA SER A 21 16.90 -2.37 -15.03
C SER A 21 15.76 -3.09 -14.30
N PHE A 22 15.66 -2.90 -12.98
CA PHE A 22 14.64 -3.49 -12.14
C PHE A 22 13.32 -2.71 -12.15
N HIS A 23 12.24 -3.40 -12.49
CA HIS A 23 10.90 -2.79 -12.51
C HIS A 23 9.90 -3.78 -11.87
N SER A 24 9.22 -3.38 -10.81
CA SER A 24 8.15 -4.18 -10.29
C SER A 24 6.92 -3.34 -10.06
N ASP A 25 5.77 -3.98 -9.99
CA ASP A 25 4.52 -3.30 -9.84
C ASP A 25 3.58 -4.30 -9.24
N VAL A 26 3.28 -4.14 -7.96
CA VAL A 26 2.45 -5.10 -7.26
CA VAL A 26 2.50 -5.11 -7.21
C VAL A 26 1.36 -4.41 -6.48
N ASP A 27 0.22 -5.10 -6.38
CA ASP A 27 -0.90 -4.65 -5.61
C ASP A 27 -1.20 -5.66 -4.50
N VAL A 28 -1.27 -5.18 -3.27
CA VAL A 28 -1.46 -5.99 -2.09
C VAL A 28 -2.75 -5.54 -1.39
N SER A 29 -3.65 -6.49 -1.14
CA SER A 29 -4.81 -6.22 -0.31
C SER A 29 -5.25 -7.47 0.48
N ALA A 30 -5.95 -7.25 1.61
CA ALA A 30 -6.44 -8.32 2.47
C ALA A 30 -7.73 -7.93 3.16
N VAL A 31 -8.56 -8.91 3.44
CA VAL A 31 -9.80 -8.73 4.20
CA VAL A 31 -9.78 -8.73 4.23
C VAL A 31 -9.95 -9.94 5.12
N THR A 32 -10.71 -9.81 6.20
CA THR A 32 -11.13 -10.98 7.03
C THR A 32 -12.56 -11.34 6.68
N THR A 33 -12.85 -12.65 6.61
CA THR A 33 -14.21 -13.12 6.45
C THR A 33 -14.46 -14.01 7.65
N GLN A 34 -15.73 -14.25 7.94
CA GLN A 34 -16.05 -15.09 9.07
CA GLN A 34 -16.14 -15.09 9.06
C GLN A 34 -15.83 -16.55 8.75
N ALA A 35 -15.22 -17.25 9.68
CA ALA A 35 -15.03 -18.68 9.55
C ALA A 35 -15.87 -19.30 10.69
N GLU A 36 -15.79 -20.62 10.76
CA GLU A 36 -16.57 -21.37 11.74
C GLU A 36 -16.01 -21.33 13.18
N ALA A 37 -16.91 -21.57 14.14
CA ALA A 37 -16.54 -21.70 15.55
C ALA A 37 -15.88 -20.43 16.12
N GLY A 38 -16.29 -19.27 15.61
CA GLY A 38 -15.82 -17.97 16.12
C GLY A 38 -14.51 -17.48 15.53
N PHE A 39 -14.00 -18.23 14.56
CA PHE A 39 -12.76 -17.90 13.89
C PHE A 39 -13.00 -16.98 12.71
N LEU A 40 -11.94 -16.30 12.29
CA LEU A 40 -11.90 -15.51 11.08
C LEU A 40 -10.96 -16.21 10.11
N ARG A 41 -11.13 -15.91 8.84
CA ARG A 41 -10.20 -16.37 7.85
C ARG A 41 -9.73 -15.18 7.06
N ALA A 42 -8.41 -15.02 6.96
CA ALA A 42 -7.81 -13.92 6.20
C ALA A 42 -7.80 -14.33 4.74
N ARG A 43 -8.20 -13.40 3.88
CA ARG A 43 -8.12 -13.59 2.44
C ARG A 43 -7.36 -12.41 1.82
N GLY A 44 -6.22 -12.73 1.23
CA GLY A 44 -5.34 -11.75 0.64
C GLY A 44 -5.27 -11.95 -0.85
N THR A 45 -4.96 -10.87 -1.56
CA THR A 45 -4.78 -10.93 -3.00
CA THR A 45 -4.74 -10.99 -2.98
C THR A 45 -3.47 -10.20 -3.31
N ILE A 46 -2.59 -10.84 -4.06
CA ILE A 46 -1.31 -10.24 -4.48
C ILE A 46 -1.30 -10.30 -5.98
N ILE A 47 -1.30 -9.12 -6.60
CA ILE A 47 -1.35 -9.00 -8.05
C ILE A 47 -0.10 -8.35 -8.57
N SER A 48 0.54 -8.99 -9.55
CA SER A 48 1.61 -8.36 -10.30
C SER A 48 1.06 -7.69 -11.56
N LYS A 49 1.54 -6.49 -11.83
CA LYS A 49 1.15 -5.73 -13.00
C LYS A 49 2.39 -5.46 -13.83
N SER A 50 3.36 -6.36 -13.77
CA SER A 50 4.59 -6.20 -14.54
C SER A 50 4.92 -7.50 -15.26
N PRO A 51 5.58 -7.40 -16.42
CA PRO A 51 5.76 -8.55 -17.32
C PRO A 51 6.68 -9.66 -16.85
N LYS A 52 7.73 -9.35 -16.09
CA LYS A 52 8.70 -10.38 -15.69
C LYS A 52 8.26 -11.01 -14.37
N ASP A 53 8.60 -12.28 -14.20
CA ASP A 53 8.35 -13.00 -12.94
C ASP A 53 9.00 -12.24 -11.78
N GLN A 54 8.33 -12.28 -10.65
CA GLN A 54 8.77 -11.60 -9.43
CA GLN A 54 8.84 -11.64 -9.46
C GLN A 54 8.68 -12.58 -8.27
N ARG A 55 9.79 -12.82 -7.57
CA ARG A 55 9.80 -13.56 -6.32
CA ARG A 55 9.74 -13.57 -6.31
C ARG A 55 9.42 -12.60 -5.15
N LEU A 56 8.54 -13.06 -4.28
CA LEU A 56 8.26 -12.33 -3.06
CA LEU A 56 8.03 -12.34 -3.12
C LEU A 56 7.94 -13.28 -1.91
N GLN A 57 7.81 -12.71 -0.72
CA GLN A 57 7.44 -13.46 0.47
C GLN A 57 6.31 -12.75 1.14
N TYR A 58 5.45 -13.52 1.81
CA TYR A 58 4.34 -12.93 2.52
C TYR A 58 4.06 -13.59 3.83
N LYS A 59 3.35 -12.87 4.70
CA LYS A 59 2.76 -13.46 5.90
C LYS A 59 1.71 -12.56 6.45
N PHE A 60 0.74 -13.18 7.10
CA PHE A 60 -0.29 -12.42 7.81
C PHE A 60 0.09 -12.29 9.27
N THR A 61 -0.38 -11.21 9.88
CA THR A 61 -0.33 -11.04 11.34
C THR A 61 -1.76 -10.75 11.79
N TRP A 62 -2.02 -11.05 13.05
CA TRP A 62 -3.36 -10.99 13.58
C TRP A 62 -3.39 -10.09 14.83
N TYR A 63 -4.50 -9.37 15.00
CA TYR A 63 -4.69 -8.46 16.12
C TYR A 63 -6.05 -8.65 16.77
N ASP A 64 -6.08 -8.37 18.06
CA ASP A 64 -7.30 -8.50 18.86
C ASP A 64 -7.96 -7.12 18.91
N ILE A 65 -9.03 -7.01 19.69
CA ILE A 65 -9.82 -5.76 19.75
C ILE A 65 -9.02 -4.60 20.31
N ASN A 66 -8.06 -4.87 21.19
CA ASN A 66 -7.18 -3.82 21.77
C ASN A 66 -6.03 -3.38 20.89
N GLY A 67 -5.84 -4.03 19.73
CA GLY A 67 -4.67 -3.79 18.91
C GLY A 67 -3.44 -4.62 19.25
N ALA A 68 -3.55 -5.58 20.17
CA ALA A 68 -2.43 -6.42 20.55
C ALA A 68 -2.24 -7.53 19.49
N THR A 69 -0.99 -7.92 19.22
CA THR A 69 -0.69 -9.00 18.28
C THR A 69 -1.07 -10.30 18.93
N VAL A 70 -1.72 -11.17 18.16
CA VAL A 70 -2.19 -12.47 18.65
C VAL A 70 -1.11 -13.50 18.31
N GLU A 71 -0.75 -14.32 19.30
CA GLU A 71 0.27 -15.34 19.07
C GLU A 71 -0.14 -16.22 17.90
N ASP A 72 0.77 -16.40 16.96
CA ASP A 72 0.50 -17.14 15.72
C ASP A 72 1.58 -18.21 15.53
N GLU A 73 1.44 -19.33 16.24
CA GLU A 73 2.51 -20.33 16.29
C GLU A 73 2.81 -20.94 14.94
N GLY A 74 4.10 -21.08 14.62
CA GLY A 74 4.49 -21.85 13.45
C GLY A 74 4.07 -21.18 12.14
N VAL A 75 4.08 -19.85 12.12
CA VAL A 75 3.73 -19.10 10.89
C VAL A 75 4.95 -18.27 10.60
N SER A 76 5.52 -18.47 9.44
CA SER A 76 6.67 -17.67 9.03
C SER A 76 6.43 -17.10 7.62
N TRP A 77 7.42 -16.41 7.09
CA TRP A 77 7.37 -15.87 5.73
C TRP A 77 7.33 -17.00 4.72
N LYS A 78 6.44 -16.89 3.73
CA LYS A 78 6.23 -17.92 2.73
C LYS A 78 6.57 -17.36 1.38
N SER A 79 7.30 -18.13 0.56
CA SER A 79 7.70 -17.67 -0.75
C SER A 79 6.66 -17.90 -1.82
N LEU A 80 6.62 -16.97 -2.78
CA LEU A 80 5.81 -17.07 -4.00
C LEU A 80 6.65 -16.57 -5.16
N LYS A 81 6.46 -17.18 -6.32
CA LYS A 81 6.97 -16.62 -7.55
C LYS A 81 5.71 -16.22 -8.33
N LEU A 82 5.52 -14.91 -8.48
CA LEU A 82 4.41 -14.34 -9.24
C LEU A 82 4.92 -14.21 -10.65
N HIS A 83 4.27 -14.89 -11.58
CA HIS A 83 4.63 -14.75 -12.97
C HIS A 83 4.09 -13.41 -13.48
N GLY A 84 4.54 -12.97 -14.64
CA GLY A 84 4.11 -11.67 -15.12
C GLY A 84 2.59 -11.59 -15.17
N LYS A 85 2.02 -10.51 -14.66
CA LYS A 85 0.57 -10.29 -14.71
C LYS A 85 -0.29 -11.33 -14.00
N GLN A 86 0.31 -12.15 -13.16
CA GLN A 86 -0.41 -13.17 -12.43
C GLN A 86 -0.95 -12.54 -11.15
N GLN A 87 -2.05 -13.12 -10.70
CA GLN A 87 -2.67 -12.73 -9.46
C GLN A 87 -2.62 -13.99 -8.60
N MSE A 88 -2.39 -13.86 -7.29
CA MSE A 88 -2.39 -14.99 -6.35
CA MSE A 88 -2.41 -15.00 -6.36
CA MSE A 88 -2.53 -15.02 -6.41
C MSE A 88 -3.31 -14.68 -5.18
O MSE A 88 -3.32 -13.55 -4.69
CB MSE A 88 -0.97 -15.21 -5.82
CB MSE A 88 -1.00 -15.35 -5.85
CB MSE A 88 -1.20 -15.67 -6.03
CG MSE A 88 -0.17 -16.21 -6.63
CG MSE A 88 0.12 -15.22 -6.88
CG MSE A 88 -1.32 -17.02 -5.29
SE MSE A 88 -0.10 -17.92 -5.74
SE MSE A 88 1.42 -16.66 -6.87
SE MSE A 88 -2.14 -18.54 -6.27
CE MSE A 88 -1.98 -18.17 -5.31
CE MSE A 88 0.17 -18.12 -7.19
CE MSE A 88 -4.05 -18.10 -6.51
N GLN A 89 -4.05 -15.68 -4.71
CA GLN A 89 -4.94 -15.57 -3.59
C GLN A 89 -4.17 -16.30 -2.49
N VAL A 90 -4.08 -15.66 -1.34
CA VAL A 90 -3.46 -16.27 -0.14
C VAL A 90 -4.45 -16.22 1.02
N THR A 91 -4.38 -17.23 1.89
CA THR A 91 -5.32 -17.31 2.95
C THR A 91 -4.66 -17.84 4.23
N ALA A 92 -5.26 -17.51 5.37
CA ALA A 92 -4.80 -18.02 6.69
C ALA A 92 -5.98 -18.04 7.64
N LEU A 93 -6.06 -19.12 8.41
CA LEU A 93 -7.04 -19.23 9.47
C LEU A 93 -6.50 -18.50 10.68
N SER A 94 -7.35 -17.74 11.36
CA SER A 94 -6.98 -17.08 12.63
CA SER A 94 -6.94 -17.07 12.59
C SER A 94 -6.46 -18.10 13.66
N PRO A 95 -5.45 -17.72 14.47
CA PRO A 95 -4.91 -18.65 15.42
C PRO A 95 -5.73 -18.76 16.69
N ASN A 96 -6.56 -17.78 17.02
CA ASN A 96 -7.51 -17.98 18.08
C ASN A 96 -8.68 -17.02 17.95
N ALA A 97 -9.74 -17.36 18.64
CA ALA A 97 -11.01 -16.62 18.49
C ALA A 97 -10.98 -15.16 18.97
N THR A 98 -9.94 -14.72 19.68
CA THR A 98 -9.85 -13.30 20.07
C THR A 98 -9.39 -12.39 18.94
N ALA A 99 -8.85 -12.94 17.85
CA ALA A 99 -8.38 -12.12 16.74
C ALA A 99 -9.57 -11.48 16.05
N VAL A 100 -9.51 -10.17 15.80
CA VAL A 100 -10.61 -9.49 15.12
C VAL A 100 -10.21 -8.97 13.76
N ARG A 101 -8.92 -9.02 13.44
CA ARG A 101 -8.40 -8.30 12.28
C ARG A 101 -7.05 -8.91 11.85
N CYS A 102 -6.79 -8.95 10.55
CA CYS A 102 -5.48 -9.35 10.04
C CYS A 102 -4.86 -8.25 9.23
N GLU A 103 -3.56 -8.40 9.00
CA GLU A 103 -2.79 -7.53 8.09
CA GLU A 103 -2.81 -7.54 8.07
C GLU A 103 -1.89 -8.45 7.27
N LEU A 104 -1.81 -8.23 5.97
CA LEU A 104 -0.94 -8.99 5.07
C LEU A 104 0.31 -8.16 4.83
N TYR A 105 1.48 -8.78 5.01
CA TYR A 105 2.79 -8.18 4.66
C TYR A 105 3.42 -8.93 3.50
N VAL A 106 3.99 -8.18 2.55
CA VAL A 106 4.66 -8.72 1.39
C VAL A 106 6.00 -8.07 1.31
N ARG A 107 7.03 -8.87 1.08
CA ARG A 107 8.33 -8.29 0.89
C ARG A 107 8.95 -8.77 -0.40
N GLU A 108 9.74 -7.89 -1.01
CA GLU A 108 10.42 -8.18 -2.25
C GLU A 108 11.79 -7.54 -2.20
N ALA A 109 12.73 -8.16 -2.87
CA ALA A 109 14.07 -7.64 -2.94
C ALA A 109 14.05 -6.63 -4.09
N ILE A 110 14.61 -5.43 -3.86
CA ILE A 110 14.85 -4.43 -4.90
CA ILE A 110 14.82 -4.49 -4.94
C ILE A 110 16.24 -4.74 -5.45
N SER A 111 16.44 -4.60 -6.75
CA SER A 111 17.78 -4.85 -7.31
C SER A 111 18.15 -3.70 -8.22
N GLY B 5 19.25 -4.99 -0.64
CA GLY B 5 18.07 -4.06 -0.55
C GLY B 5 16.68 -4.72 -0.59
N GLY B 6 15.72 -4.12 0.11
CA GLY B 6 14.36 -4.64 0.14
C GLY B 6 13.27 -3.66 0.42
N ILE B 7 12.06 -4.07 0.02
CA ILE B 7 10.86 -3.32 0.31
CA ILE B 7 10.84 -3.34 0.26
C ILE B 7 9.80 -4.25 0.91
N MSE B 8 9.04 -3.69 1.84
CA MSE B 8 7.93 -4.37 2.47
CA MSE B 8 7.94 -4.36 2.52
C MSE B 8 6.68 -3.51 2.33
O MSE B 8 6.71 -2.30 2.55
CB MSE B 8 8.21 -4.66 3.95
CB MSE B 8 8.29 -4.53 4.03
CG MSE B 8 7.12 -5.50 4.55
CG MSE B 8 7.17 -5.08 4.92
SE MSE B 8 7.48 -6.02 6.35
SE MSE B 8 5.88 -3.70 5.48
CE MSE B 8 7.28 -4.34 7.21
CE MSE B 8 6.68 -3.22 7.20
N ILE B 9 5.60 -4.15 1.92
CA ILE B 9 4.35 -3.49 1.67
C ILE B 9 3.31 -4.20 2.52
N SER B 10 2.38 -3.45 3.10
CA SER B 10 1.31 -4.03 3.91
CA SER B 10 1.29 -4.03 3.92
C SER B 10 -0.06 -3.63 3.38
N SER B 11 -1.05 -4.47 3.65
CA SER B 11 -2.44 -4.21 3.30
C SER B 11 -3.03 -3.03 4.03
N THR B 12 -2.39 -2.50 5.07
CA THR B 12 -2.92 -1.31 5.71
C THR B 12 -2.23 -0.04 5.21
N GLY B 13 -1.38 -0.19 4.21
CA GLY B 13 -0.80 0.95 3.48
C GLY B 13 0.63 1.29 3.84
N GLU B 14 1.27 0.50 4.69
CA GLU B 14 2.66 0.74 5.01
C GLU B 14 3.55 0.37 3.86
N VAL B 15 4.55 1.20 3.57
CA VAL B 15 5.63 0.82 2.66
C VAL B 15 6.96 1.14 3.31
N ARG B 16 7.81 0.12 3.47
CA ARG B 16 9.12 0.30 4.10
CA ARG B 16 9.12 0.27 4.12
C ARG B 16 10.20 -0.10 3.13
N VAL B 17 11.20 0.78 2.97
CA VAL B 17 12.33 0.52 2.11
C VAL B 17 13.61 0.58 2.93
N ASP B 18 14.46 -0.41 2.72
CA ASP B 18 15.78 -0.46 3.32
C ASP B 18 16.76 -0.87 2.20
N ASN B 19 17.74 0.00 1.93
CA ASN B 19 18.65 -0.27 0.83
C ASN B 19 19.98 0.36 1.14
N GLY B 20 20.86 -0.42 1.78
CA GLY B 20 22.15 0.11 2.21
C GLY B 20 21.90 1.14 3.28
N SER B 21 22.42 2.35 3.10
CA SER B 21 22.17 3.47 4.04
C SER B 21 20.81 4.19 3.85
N PHE B 22 20.08 3.82 2.80
CA PHE B 22 18.78 4.44 2.54
C PHE B 22 17.70 3.70 3.31
N HIS B 23 16.88 4.44 4.06
CA HIS B 23 15.78 3.87 4.83
C HIS B 23 14.58 4.80 4.78
N SER B 24 13.40 4.27 4.42
CA SER B 24 12.16 5.02 4.49
C SER B 24 11.07 4.14 5.02
N ASP B 25 10.06 4.77 5.60
CA ASP B 25 8.96 4.00 6.13
C ASP B 25 7.77 4.95 6.35
N VAL B 26 6.69 4.71 5.61
CA VAL B 26 5.52 5.54 5.68
C VAL B 26 4.29 4.67 5.53
N ASP B 27 3.15 5.21 5.94
CA ASP B 27 1.85 4.57 5.70
C ASP B 27 0.96 5.57 4.97
N VAL B 28 0.33 5.13 3.87
CA VAL B 28 -0.60 5.95 3.10
C VAL B 28 -1.99 5.34 3.27
N SER B 29 -2.95 6.14 3.76
CA SER B 29 -4.30 5.63 3.96
C SER B 29 -5.09 5.58 2.66
N ALA B 30 -6.26 4.93 2.71
CA ALA B 30 -7.28 5.09 1.71
C ALA B 30 -7.77 6.58 1.69
N VAL B 31 -8.26 6.99 0.54
CA VAL B 31 -8.83 8.32 0.37
C VAL B 31 -10.32 8.30 0.71
N THR B 32 -10.80 9.34 1.37
CA THR B 32 -12.25 9.53 1.54
C THR B 32 -12.62 10.85 0.84
N THR B 33 -13.87 10.98 0.40
CA THR B 33 -14.31 12.24 -0.17
C THR B 33 -15.58 12.72 0.54
N GLN B 34 -15.81 14.02 0.51
CA GLN B 34 -17.03 14.64 1.07
C GLN B 34 -17.47 15.80 0.21
N ALA B 35 -18.78 16.06 0.16
CA ALA B 35 -19.34 17.18 -0.63
C ALA B 35 -18.94 18.54 -0.04
N GLU B 36 -18.64 19.50 -0.91
CA GLU B 36 -18.22 20.86 -0.47
C GLU B 36 -18.33 21.95 -1.56
N ALA B 37 -19.39 22.77 -1.44
CA ALA B 37 -19.64 23.91 -2.33
C ALA B 37 -19.77 23.46 -3.79
N GLY B 38 -20.58 22.43 -4.03
CA GLY B 38 -20.78 21.87 -5.36
C GLY B 38 -19.60 21.06 -5.87
N PHE B 39 -18.64 20.76 -4.99
CA PHE B 39 -17.44 20.00 -5.35
C PHE B 39 -17.24 18.87 -4.34
N LEU B 40 -16.24 18.03 -4.57
CA LEU B 40 -15.85 17.03 -3.60
C LEU B 40 -14.53 17.46 -2.97
N ARG B 41 -14.41 17.27 -1.67
CA ARG B 41 -13.11 17.38 -1.01
C ARG B 41 -12.55 15.96 -0.74
N ALA B 42 -11.36 15.67 -1.28
CA ALA B 42 -10.68 14.41 -1.01
C ALA B 42 -9.78 14.57 0.19
N ARG B 43 -9.67 13.53 1.04
CA ARG B 43 -8.72 13.56 2.18
C ARG B 43 -8.00 12.24 2.28
N GLY B 44 -6.72 12.32 2.59
CA GLY B 44 -5.90 11.14 2.90
C GLY B 44 -4.94 11.48 4.02
N THR B 45 -4.48 10.45 4.71
CA THR B 45 -3.49 10.60 5.76
C THR B 45 -2.19 9.89 5.37
N ILE B 46 -1.06 10.57 5.56
CA ILE B 46 0.26 10.01 5.33
C ILE B 46 0.94 10.01 6.70
N ILE B 47 1.38 8.84 7.15
CA ILE B 47 1.95 8.70 8.48
C ILE B 47 3.40 8.25 8.38
N SER B 48 4.29 8.96 9.07
CA SER B 48 5.67 8.53 9.20
C SER B 48 5.76 7.38 10.17
N LYS B 49 6.54 6.35 9.81
CA LYS B 49 6.84 5.25 10.73
C LYS B 49 8.34 5.16 10.97
N SER B 50 9.04 6.27 10.80
CA SER B 50 10.46 6.36 11.08
C SER B 50 10.66 7.42 12.15
N PRO B 51 11.68 7.27 13.00
CA PRO B 51 11.97 8.32 13.97
C PRO B 51 12.71 9.52 13.35
N LYS B 52 13.16 9.40 12.10
CA LYS B 52 13.86 10.48 11.42
C LYS B 52 12.91 11.26 10.49
N ASP B 53 13.27 12.51 10.23
CA ASP B 53 12.59 13.37 9.28
C ASP B 53 12.62 12.68 7.90
N GLN B 54 11.47 12.73 7.23
CA GLN B 54 11.34 12.30 5.87
C GLN B 54 10.78 13.43 5.02
N ARG B 55 11.00 13.34 3.72
CA ARG B 55 10.30 14.21 2.77
C ARG B 55 9.95 13.38 1.54
N LEU B 56 8.72 13.54 1.06
CA LEU B 56 8.24 12.82 -0.07
C LEU B 56 7.37 13.77 -0.89
N GLN B 57 6.84 13.27 -1.99
CA GLN B 57 5.94 14.05 -2.81
C GLN B 57 4.61 13.32 -2.97
N TYR B 58 3.53 14.08 -3.14
CA TYR B 58 2.20 13.49 -3.28
C TYR B 58 1.38 14.24 -4.34
N LYS B 59 0.38 13.56 -4.88
CA LYS B 59 -0.61 14.18 -5.75
CA LYS B 59 -0.55 14.09 -5.86
C LYS B 59 -1.89 13.38 -5.68
N PHE B 60 -2.99 14.08 -5.91
CA PHE B 60 -4.30 13.46 -6.01
C PHE B 60 -4.67 13.42 -7.52
N THR B 61 -5.33 12.35 -7.97
CA THR B 61 -5.82 12.28 -9.31
C THR B 61 -7.31 12.00 -9.20
N TRP B 62 -8.09 12.66 -10.05
CA TRP B 62 -9.54 12.58 -10.00
C TRP B 62 -10.06 11.81 -11.19
N TYR B 63 -11.16 11.10 -10.97
CA TYR B 63 -11.77 10.22 -11.99
C TYR B 63 -13.24 10.45 -12.10
N ASP B 64 -13.77 10.27 -13.31
CA ASP B 64 -15.20 10.40 -13.57
C ASP B 64 -15.92 9.09 -13.37
N ILE B 65 -17.19 9.05 -13.76
CA ILE B 65 -18.07 7.90 -13.60
CA ILE B 65 -18.00 7.85 -13.52
C ILE B 65 -17.47 6.59 -14.19
N ASN B 66 -16.70 6.74 -15.29
CA ASN B 66 -16.13 5.62 -16.00
C ASN B 66 -14.69 5.39 -15.67
N GLY B 67 -14.16 6.18 -14.72
CA GLY B 67 -12.75 6.08 -14.37
C GLY B 67 -11.79 6.82 -15.29
N ALA B 68 -12.33 7.68 -16.18
CA ALA B 68 -11.46 8.51 -17.02
C ALA B 68 -10.91 9.61 -16.13
N THR B 69 -9.66 9.98 -16.39
CA THR B 69 -9.01 11.03 -15.60
CA THR B 69 -9.00 11.02 -15.59
C THR B 69 -9.70 12.35 -15.81
N VAL B 70 -9.87 13.11 -14.73
CA VAL B 70 -10.48 14.42 -14.83
C VAL B 70 -9.29 15.36 -14.73
N GLU B 71 -8.84 15.79 -15.91
CA GLU B 71 -7.67 16.65 -16.09
C GLU B 71 -7.73 17.82 -15.12
N ASP B 72 -6.59 18.06 -14.47
CA ASP B 72 -6.45 19.15 -13.52
C ASP B 72 -5.21 20.01 -13.90
N GLU B 73 -5.40 20.98 -14.79
CA GLU B 73 -4.32 21.92 -15.19
C GLU B 73 -3.64 22.52 -13.93
N GLY B 74 -2.33 22.69 -13.98
CA GLY B 74 -1.57 23.30 -12.87
C GLY B 74 -1.23 22.42 -11.64
N VAL B 75 -2.14 21.54 -11.21
CA VAL B 75 -1.92 20.77 -9.97
C VAL B 75 -1.12 19.47 -10.25
N SER B 76 0.12 19.39 -9.76
CA SER B 76 0.85 18.13 -9.88
C SER B 76 1.58 17.75 -8.58
N TRP B 77 2.73 17.10 -8.67
CA TRP B 77 3.41 16.59 -7.45
C TRP B 77 3.81 17.73 -6.55
N LYS B 78 3.54 17.57 -5.26
CA LYS B 78 3.86 18.53 -4.24
C LYS B 78 4.72 17.90 -3.17
N SER B 79 5.60 18.70 -2.58
CA SER B 79 6.48 18.22 -1.54
C SER B 79 5.72 18.15 -0.21
N LEU B 80 6.09 17.19 0.63
CA LEU B 80 5.57 17.09 2.00
C LEU B 80 6.68 16.64 2.93
N LYS B 81 6.93 17.40 3.98
CA LYS B 81 7.91 17.06 4.99
C LYS B 81 7.15 16.39 6.14
N LEU B 82 7.69 15.29 6.66
CA LEU B 82 7.10 14.54 7.77
C LEU B 82 8.15 14.39 8.86
N HIS B 83 7.93 15.05 10.00
CA HIS B 83 8.82 14.81 11.13
C HIS B 83 8.67 13.34 11.55
N GLY B 84 9.66 12.83 12.28
CA GLY B 84 9.59 11.45 12.81
C GLY B 84 8.26 11.14 13.49
N LYS B 85 7.60 10.07 13.06
CA LYS B 85 6.29 9.63 13.61
C LYS B 85 5.10 10.60 13.40
N GLN B 86 5.30 11.67 12.64
CA GLN B 86 4.22 12.62 12.37
C GLN B 86 3.18 12.03 11.42
N GLN B 87 1.97 12.51 11.60
CA GLN B 87 0.81 12.13 10.82
C GLN B 87 0.37 13.42 10.13
N MSE B 88 0.17 13.38 8.81
CA MSE B 88 -0.23 14.56 8.06
CA MSE B 88 -0.24 14.55 8.07
C MSE B 88 -1.44 14.23 7.21
O MSE B 88 -1.45 13.21 6.54
CB MSE B 88 0.89 15.07 7.18
CB MSE B 88 0.88 15.06 7.17
CG MSE B 88 0.54 16.36 6.39
CG MSE B 88 0.94 16.57 7.16
SE MSE B 88 0.04 17.92 7.49
SE MSE B 88 2.26 17.08 8.46
CE MSE B 88 1.76 18.26 8.32
CE MSE B 88 3.60 15.98 7.63
N GLN B 89 -2.44 15.09 7.26
CA GLN B 89 -3.58 14.97 6.37
C GLN B 89 -3.30 15.84 5.16
N VAL B 90 -3.50 15.27 3.97
CA VAL B 90 -3.42 15.98 2.70
C VAL B 90 -4.82 16.00 2.12
N THR B 91 -5.10 17.01 1.31
CA THR B 91 -6.43 17.26 0.86
C THR B 91 -6.39 17.88 -0.53
N ALA B 92 -7.48 17.69 -1.30
CA ALA B 92 -7.65 18.34 -2.60
C ALA B 92 -9.13 18.54 -2.86
N LEU B 93 -9.47 19.53 -3.70
CA LEU B 93 -10.86 19.80 -4.07
C LEU B 93 -11.04 19.40 -5.52
N SER B 94 -12.20 18.85 -5.86
CA SER B 94 -12.44 18.41 -7.25
C SER B 94 -12.40 19.59 -8.21
N PRO B 95 -11.80 19.40 -9.41
CA PRO B 95 -11.73 20.50 -10.40
C PRO B 95 -13.11 20.89 -10.95
N ASN B 96 -13.96 19.89 -11.17
CA ASN B 96 -15.33 20.13 -11.59
C ASN B 96 -16.26 18.97 -11.19
N ALA B 97 -17.56 19.20 -11.42
CA ALA B 97 -18.62 18.27 -11.06
C ALA B 97 -18.55 16.87 -11.69
N THR B 98 -17.79 16.66 -12.77
CA THR B 98 -17.71 15.31 -13.37
C THR B 98 -16.81 14.36 -12.52
N ALA B 99 -15.97 14.94 -11.66
CA ALA B 99 -15.11 14.14 -10.77
C ALA B 99 -15.95 13.47 -9.69
N VAL B 100 -15.85 12.16 -9.57
CA VAL B 100 -16.64 11.45 -8.54
C VAL B 100 -15.78 10.66 -7.57
N ARG B 101 -14.57 10.27 -7.99
CA ARG B 101 -13.62 9.57 -7.13
C ARG B 101 -12.21 10.14 -7.26
N CYS B 102 -11.40 9.86 -6.26
CA CYS B 102 -10.05 10.38 -6.17
CA CYS B 102 -10.02 10.31 -6.28
C CYS B 102 -9.09 9.27 -5.67
N GLU B 103 -7.84 9.32 -6.10
CA GLU B 103 -6.83 8.42 -5.60
C GLU B 103 -5.61 9.29 -5.22
N LEU B 104 -4.91 8.86 -4.18
CA LEU B 104 -3.74 9.61 -3.67
C LEU B 104 -2.54 8.80 -4.06
N TYR B 105 -1.50 9.47 -4.53
CA TYR B 105 -0.26 8.81 -4.94
C TYR B 105 0.85 9.49 -4.20
N VAL B 106 1.85 8.69 -3.81
CA VAL B 106 3.01 9.16 -3.07
C VAL B 106 4.25 8.60 -3.76
N ARG B 107 5.30 9.43 -3.91
CA ARG B 107 6.50 8.93 -4.54
C ARG B 107 7.73 9.36 -3.79
N GLU B 108 8.78 8.55 -3.92
CA GLU B 108 10.08 8.97 -3.48
C GLU B 108 11.16 8.36 -4.34
N ALA B 109 12.36 8.91 -4.18
CA ALA B 109 13.55 8.39 -4.86
C ALA B 109 14.17 7.41 -3.91
N ILE B 110 14.85 6.41 -4.47
CA ILE B 110 15.64 5.53 -3.65
C ILE B 110 17.07 5.60 -4.14
N SER B 111 17.99 5.29 -3.26
CA SER B 111 19.37 5.19 -3.65
C SER B 111 19.96 3.97 -2.99
N ASN B 112 21.27 3.78 -3.17
CA ASN B 112 22.09 2.76 -2.45
C ASN B 112 22.45 3.23 -1.03
C1 EDO C . 5.32 1.48 -17.47
O1 EDO C . 4.55 0.28 -17.54
C2 EDO C . 4.67 2.55 -18.32
O2 EDO C . 5.26 3.80 -17.99
C1 EDO D . 10.65 9.60 2.40
O1 EDO D . 10.71 9.84 0.99
C2 EDO D . 12.07 9.49 2.95
O2 EDO D . 12.66 10.81 3.16
C1 EDO E . 19.53 8.39 2.56
O1 EDO E . 18.87 9.46 3.22
C2 EDO E . 19.78 8.74 1.12
O2 EDO E . 20.35 7.60 0.47
#